data_6CL4
#
_entry.id   6CL4
#
_cell.length_a   58.500
_cell.length_b   58.500
_cell.length_c   192.700
_cell.angle_alpha   90.00
_cell.angle_beta   90.00
_cell.angle_gamma   90.00
#
_symmetry.space_group_name_H-M   'P 41 2 2'
#
loop_
_entity.id
_entity.type
_entity.pdbx_description
1 polymer 'Lipase C12'
2 water water
#
_entity_poly.entity_id   1
_entity_poly.type   'polypeptide(L)'
_entity_poly.pdbx_seq_one_letter_code
;MGSSHHHHHHSSGLVPRGSHMSASSLKFPIVLVHGLLGFDKIGGIYPYFYGIKEALEKAGAKVYIATLSALNSNELRGEQ
LLEFVRKVQAETGAAKVNLIGHSQGPLACRYVAATHPELIASVTSVNGVNHGSEVADLVRLALTPGRLPESIANAAMSAF
GQLLSALAGSPRLPQSGIEALEALTSEGVAAFNNKYPQGLPAEWGGEGKELVNGVYYYSWSGVIDYNPLHQGANNLDPLH
VAMLAFSILFTNERFQNDGLVGRYSSHLGKVIGSDYSMDHVDAINQLAGVVANNTDPVQLFVEHVARLKSKGL
;
_entity_poly.pdbx_strand_id   A
#
# COMPACT_ATOMS: atom_id res chain seq x y z
N SER A 24 -12.34 19.26 15.25
CA SER A 24 -12.29 18.26 14.20
C SER A 24 -13.18 18.65 13.02
N SER A 25 -12.59 18.69 11.82
CA SER A 25 -13.33 19.05 10.63
C SER A 25 -14.10 17.86 10.07
N LEU A 26 -13.63 16.66 10.41
CA LEU A 26 -14.29 15.43 9.99
C LEU A 26 -15.24 14.92 11.06
N LYS A 27 -16.28 14.21 10.64
CA LYS A 27 -17.23 13.62 11.57
C LYS A 27 -16.65 12.38 12.23
N PHE A 28 -15.84 11.65 11.46
CA PHE A 28 -15.24 10.42 11.95
C PHE A 28 -13.71 10.50 11.93
N PRO A 29 -13.05 9.85 12.91
CA PRO A 29 -11.59 9.81 13.00
C PRO A 29 -10.96 9.06 11.83
N ILE A 30 -9.67 9.30 11.60
CA ILE A 30 -8.93 8.59 10.57
C ILE A 30 -7.99 7.57 11.19
N VAL A 31 -8.05 6.33 10.70
CA VAL A 31 -7.15 5.28 11.16
C VAL A 31 -6.20 4.87 10.03
N LEU A 32 -4.91 5.14 10.23
CA LEU A 32 -3.90 4.79 9.24
C LEU A 32 -3.47 3.33 9.41
N VAL A 33 -3.40 2.61 8.30
CA VAL A 33 -3.06 1.19 8.33
C VAL A 33 -1.84 0.88 7.46
N HIS A 34 -0.74 0.53 8.11
CA HIS A 34 0.48 0.19 7.39
C HIS A 34 0.42 -1.25 6.89
N GLY A 35 1.35 -1.60 6.02
CA GLY A 35 1.40 -2.96 5.49
C GLY A 35 2.45 -3.14 4.41
N LEU A 36 3.73 -3.17 4.83
CA LEU A 36 4.81 -3.38 3.88
C LEU A 36 5.85 -4.36 4.44
N LEU A 37 5.64 -5.64 4.14
CA LEU A 37 6.58 -6.70 4.53
C LEU A 37 6.84 -6.77 6.03
N GLY A 38 5.85 -6.37 6.82
CA GLY A 38 5.94 -6.47 8.26
C GLY A 38 6.89 -5.48 8.92
N PHE A 39 6.86 -4.24 8.45
CA PHE A 39 7.68 -3.19 9.04
C PHE A 39 6.82 -2.10 9.67
N ASP A 40 6.95 -1.94 10.98
CA ASP A 40 6.23 -0.91 11.71
C ASP A 40 6.75 0.47 11.36
N LYS A 41 8.03 0.53 11.01
CA LYS A 41 8.68 1.80 10.67
C LYS A 41 9.75 1.60 9.60
N ILE A 42 9.92 2.61 8.76
CA ILE A 42 10.86 2.53 7.63
C ILE A 42 12.26 3.00 8.03
N GLY A 43 13.28 2.29 7.55
CA GLY A 43 14.65 2.69 7.76
C GLY A 43 15.19 2.34 9.14
N GLY A 44 14.30 1.90 10.03
CA GLY A 44 14.70 1.51 11.37
C GLY A 44 14.08 2.39 12.44
N ILE A 45 13.89 3.67 12.13
CA ILE A 45 13.35 4.61 13.11
C ILE A 45 12.23 5.50 12.54
N TYR A 46 12.32 5.81 11.24
CA TYR A 46 11.38 6.74 10.62
C TYR A 46 9.97 6.19 10.60
N PRO A 47 9.00 6.99 11.08
CA PRO A 47 7.58 6.62 11.08
C PRO A 47 7.09 6.22 9.68
N TYR A 48 6.15 5.28 9.63
CA TYR A 48 5.64 4.75 8.37
C TYR A 48 5.08 5.84 7.47
N PHE A 49 3.98 6.46 7.91
CA PHE A 49 3.41 7.60 7.20
C PHE A 49 4.13 8.88 7.62
N TYR A 50 5.31 9.09 7.04
CA TYR A 50 6.20 10.17 7.46
C TYR A 50 5.59 11.56 7.27
N GLY A 51 5.38 12.27 8.38
CA GLY A 51 4.86 13.63 8.34
C GLY A 51 3.42 13.73 7.88
N ILE A 52 2.75 12.58 7.79
CA ILE A 52 1.39 12.54 7.28
C ILE A 52 0.36 12.72 8.39
N LYS A 53 0.61 12.08 9.54
CA LYS A 53 -0.28 12.21 10.69
C LYS A 53 -0.36 13.66 11.14
N GLU A 54 0.79 14.33 11.18
CA GLU A 54 0.87 15.72 11.60
C GLU A 54 0.16 16.64 10.61
N ALA A 55 0.18 16.25 9.34
CA ALA A 55 -0.46 17.03 8.29
C ALA A 55 -1.97 16.85 8.30
N LEU A 56 -2.41 15.61 8.53
CA LEU A 56 -3.84 15.32 8.60
C LEU A 56 -4.47 16.02 9.80
N GLU A 57 -3.73 16.09 10.90
CA GLU A 57 -4.18 16.80 12.09
C GLU A 57 -4.22 18.30 11.85
N LYS A 58 -3.30 18.78 11.02
CA LYS A 58 -3.23 20.19 10.67
C LYS A 58 -4.43 20.59 9.82
N ALA A 59 -5.05 19.60 9.18
CA ALA A 59 -6.25 19.84 8.38
C ALA A 59 -7.51 19.67 9.21
N GLY A 60 -7.33 19.44 10.51
CA GLY A 60 -8.44 19.35 11.43
C GLY A 60 -9.04 17.96 11.54
N ALA A 61 -8.20 16.94 11.59
CA ALA A 61 -8.66 15.56 11.71
C ALA A 61 -7.92 14.82 12.82
N LYS A 62 -8.65 13.95 13.53
CA LYS A 62 -8.05 13.12 14.56
C LYS A 62 -7.51 11.83 13.93
N VAL A 63 -6.22 11.57 14.15
CA VAL A 63 -5.54 10.46 13.50
C VAL A 63 -5.02 9.44 14.49
N TYR A 64 -5.18 8.16 14.16
CA TYR A 64 -4.67 7.07 14.98
C TYR A 64 -3.94 6.04 14.12
N ILE A 65 -2.79 5.60 14.58
CA ILE A 65 -1.98 4.65 13.84
C ILE A 65 -2.23 3.21 14.31
N ALA A 66 -2.79 2.39 13.42
CA ALA A 66 -3.11 1.01 13.75
C ALA A 66 -1.85 0.17 13.99
N THR A 67 -1.90 -0.65 15.03
CA THR A 67 -0.79 -1.54 15.35
C THR A 67 -1.13 -2.98 14.96
N LEU A 68 -0.45 -3.48 13.93
CA LEU A 68 -0.72 -4.82 13.41
C LEU A 68 0.53 -5.69 13.42
N SER A 69 0.33 -7.00 13.29
CA SER A 69 1.44 -7.94 13.29
C SER A 69 1.77 -8.41 11.87
N ALA A 70 3.00 -8.86 11.67
CA ALA A 70 3.45 -9.33 10.36
C ALA A 70 2.80 -10.67 10.01
N LEU A 71 1.59 -10.60 9.47
CA LEU A 71 0.86 -11.81 9.09
C LEU A 71 0.55 -11.81 7.60
N ASN A 72 0.45 -13.00 7.02
CA ASN A 72 0.09 -13.13 5.61
C ASN A 72 -1.41 -13.22 5.43
N SER A 73 -2.10 -13.63 6.48
CA SER A 73 -3.55 -13.71 6.46
C SER A 73 -4.17 -12.34 6.71
N ASN A 74 -4.85 -11.81 5.72
CA ASN A 74 -5.51 -10.51 5.84
C ASN A 74 -6.73 -10.61 6.76
N GLU A 75 -7.21 -11.83 6.96
CA GLU A 75 -8.31 -12.07 7.87
C GLU A 75 -7.84 -11.94 9.31
N LEU A 76 -6.66 -12.47 9.60
CA LEU A 76 -6.06 -12.37 10.92
C LEU A 76 -5.60 -10.94 11.19
N ARG A 77 -4.96 -10.34 10.19
CA ARG A 77 -4.51 -8.95 10.29
C ARG A 77 -5.72 -8.02 10.39
N GLY A 78 -6.81 -8.41 9.74
CA GLY A 78 -8.04 -7.64 9.80
C GLY A 78 -8.66 -7.67 11.18
N GLU A 79 -8.58 -8.83 11.83
CA GLU A 79 -9.10 -8.98 13.19
C GLU A 79 -8.32 -8.11 14.16
N GLN A 80 -7.01 -8.00 13.93
CA GLN A 80 -6.16 -7.11 14.73
C GLN A 80 -6.55 -5.66 14.49
N LEU A 81 -6.89 -5.35 13.24
CA LEU A 81 -7.33 -4.02 12.88
C LEU A 81 -8.70 -3.72 13.49
N LEU A 82 -9.55 -4.75 13.51
CA LEU A 82 -10.89 -4.63 14.08
C LEU A 82 -10.82 -4.28 15.56
N GLU A 83 -9.88 -4.89 16.27
CA GLU A 83 -9.69 -4.63 17.69
C GLU A 83 -9.25 -3.19 17.93
N PHE A 84 -8.33 -2.71 17.09
CA PHE A 84 -7.82 -1.36 17.22
C PHE A 84 -8.89 -0.32 16.94
N VAL A 85 -9.73 -0.60 15.94
CA VAL A 85 -10.83 0.31 15.58
C VAL A 85 -11.80 0.47 16.74
N ARG A 86 -12.13 -0.64 17.40
CA ARG A 86 -13.04 -0.61 18.53
C ARG A 86 -12.45 0.09 19.74
N LYS A 87 -11.12 0.16 19.80
CA LYS A 87 -10.44 0.90 20.86
C LYS A 87 -10.46 2.39 20.56
N VAL A 88 -10.46 2.73 19.28
CA VAL A 88 -10.56 4.13 18.86
C VAL A 88 -11.97 4.65 19.13
N GLN A 89 -12.97 3.83 18.82
CA GLN A 89 -14.36 4.19 19.07
C GLN A 89 -14.65 4.36 20.56
N ALA A 90 -13.96 3.59 21.39
CA ALA A 90 -14.15 3.65 22.83
C ALA A 90 -13.58 4.93 23.41
N GLU A 91 -12.49 5.41 22.82
CA GLU A 91 -11.81 6.60 23.30
C GLU A 91 -12.45 7.88 22.75
N THR A 92 -12.88 7.83 21.50
CA THR A 92 -13.44 9.00 20.83
C THR A 92 -14.95 9.11 21.02
N GLY A 93 -15.63 7.98 21.04
CA GLY A 93 -17.08 7.96 21.14
C GLY A 93 -17.72 8.06 19.77
N ALA A 94 -16.91 7.86 18.74
CA ALA A 94 -17.39 7.94 17.36
C ALA A 94 -17.97 6.61 16.90
N ALA A 95 -18.98 6.67 16.05
CA ALA A 95 -19.65 5.47 15.57
C ALA A 95 -18.84 4.77 14.48
N LYS A 96 -18.16 5.55 13.66
CA LYS A 96 -17.37 4.99 12.56
C LYS A 96 -15.99 5.63 12.47
N VAL A 97 -15.13 5.05 11.64
CA VAL A 97 -13.80 5.60 11.38
C VAL A 97 -13.50 5.58 9.88
N ASN A 98 -12.61 6.45 9.45
CA ASN A 98 -12.16 6.46 8.07
C ASN A 98 -10.85 5.70 7.90
N LEU A 99 -10.90 4.58 7.19
CA LEU A 99 -9.72 3.74 7.01
C LEU A 99 -8.88 4.19 5.82
N ILE A 100 -7.60 4.43 6.09
CA ILE A 100 -6.64 4.76 5.04
C ILE A 100 -5.44 3.82 5.15
N GLY A 101 -5.26 2.98 4.15
CA GLY A 101 -4.20 1.97 4.17
C GLY A 101 -3.23 2.08 3.02
N HIS A 102 -2.03 1.52 3.23
CA HIS A 102 -0.99 1.54 2.21
C HIS A 102 -0.51 0.13 1.89
N SER A 103 -0.30 -0.14 0.59
CA SER A 103 0.21 -1.42 0.11
C SER A 103 -0.67 -2.60 0.53
N GLN A 104 -0.21 -3.36 1.51
CA GLN A 104 -0.98 -4.51 2.00
C GLN A 104 -2.10 -4.05 2.94
N GLY A 105 -1.93 -2.84 3.47
CA GLY A 105 -2.90 -2.22 4.36
C GLY A 105 -4.37 -2.30 3.98
N PRO A 106 -4.73 -1.79 2.78
CA PRO A 106 -6.13 -1.79 2.32
C PRO A 106 -6.82 -3.15 2.39
N LEU A 107 -6.05 -4.24 2.26
CA LEU A 107 -6.63 -5.57 2.35
C LEU A 107 -7.20 -5.83 3.74
N ALA A 108 -6.49 -5.39 4.76
CA ALA A 108 -6.98 -5.48 6.13
C ALA A 108 -8.19 -4.57 6.31
N CYS A 109 -8.15 -3.40 5.68
CA CYS A 109 -9.26 -2.45 5.72
C CYS A 109 -10.50 -3.03 5.07
N ARG A 110 -10.32 -3.65 3.91
CA ARG A 110 -11.44 -4.24 3.16
C ARG A 110 -12.10 -5.37 3.93
N TYR A 111 -11.31 -6.06 4.77
CA TYR A 111 -11.85 -7.14 5.59
C TYR A 111 -12.79 -6.61 6.66
N VAL A 112 -12.34 -5.58 7.37
CA VAL A 112 -13.13 -4.99 8.44
C VAL A 112 -14.41 -4.35 7.91
N ALA A 113 -14.30 -3.72 6.74
CA ALA A 113 -15.45 -3.08 6.11
C ALA A 113 -16.46 -4.11 5.63
N ALA A 114 -15.98 -5.30 5.28
CA ALA A 114 -16.84 -6.35 4.76
C ALA A 114 -17.58 -7.08 5.87
N THR A 115 -16.88 -7.35 6.97
CA THR A 115 -17.47 -8.08 8.09
C THR A 115 -18.21 -7.16 9.05
N HIS A 116 -17.76 -5.92 9.16
CA HIS A 116 -18.40 -4.95 10.04
C HIS A 116 -18.51 -3.58 9.39
N PRO A 117 -19.43 -3.44 8.42
CA PRO A 117 -19.61 -2.17 7.70
C PRO A 117 -20.19 -1.07 8.57
N GLU A 118 -20.82 -1.44 9.68
CA GLU A 118 -21.46 -0.49 10.58
C GLU A 118 -20.42 0.32 11.36
N LEU A 119 -19.16 -0.10 11.29
CA LEU A 119 -18.10 0.57 12.01
C LEU A 119 -17.17 1.34 11.09
N ILE A 120 -17.36 1.17 9.78
CA ILE A 120 -16.46 1.77 8.79
C ILE A 120 -17.18 2.75 7.88
N ALA A 121 -16.68 3.98 7.85
CA ALA A 121 -17.29 5.03 7.04
C ALA A 121 -16.72 5.03 5.61
N SER A 122 -15.41 4.81 5.51
CA SER A 122 -14.76 4.83 4.20
C SER A 122 -13.48 4.00 4.20
N VAL A 123 -13.13 3.49 3.02
CA VAL A 123 -11.90 2.74 2.84
C VAL A 123 -11.07 3.34 1.71
N THR A 124 -9.92 3.93 2.07
CA THR A 124 -9.05 4.55 1.09
C THR A 124 -7.78 3.73 0.88
N SER A 125 -7.52 3.38 -0.37
CA SER A 125 -6.35 2.58 -0.72
C SER A 125 -5.24 3.43 -1.33
N VAL A 126 -4.06 3.37 -0.75
CA VAL A 126 -2.92 4.12 -1.25
C VAL A 126 -1.85 3.16 -1.77
N ASN A 127 -1.74 3.06 -3.09
CA ASN A 127 -0.84 2.11 -3.74
C ASN A 127 -1.06 0.69 -3.22
N GLY A 128 -2.31 0.33 -3.04
CA GLY A 128 -2.68 -0.96 -2.46
C GLY A 128 -2.49 -2.14 -3.39
N VAL A 129 -2.15 -3.29 -2.82
CA VAL A 129 -1.98 -4.52 -3.57
C VAL A 129 -3.33 -5.22 -3.74
N ASN A 130 -4.24 -4.57 -4.46
CA ASN A 130 -5.62 -5.05 -4.56
C ASN A 130 -5.79 -6.21 -5.55
N HIS A 131 -4.83 -6.41 -6.43
CA HIS A 131 -4.91 -7.49 -7.41
C HIS A 131 -3.63 -8.31 -7.47
N GLY A 132 -2.77 -8.13 -6.48
CA GLY A 132 -1.52 -8.87 -6.42
C GLY A 132 -0.34 -8.11 -6.96
N SER A 133 0.86 -8.61 -6.69
CA SER A 133 2.09 -7.98 -7.15
C SER A 133 2.86 -8.88 -8.09
N GLU A 134 3.17 -8.37 -9.28
CA GLU A 134 3.92 -9.13 -10.27
C GLU A 134 5.34 -9.42 -9.79
N VAL A 135 5.84 -8.57 -8.89
CA VAL A 135 7.13 -8.78 -8.25
C VAL A 135 7.10 -10.03 -7.38
N ALA A 136 6.04 -10.15 -6.58
CA ALA A 136 5.88 -11.30 -5.69
C ALA A 136 5.78 -12.60 -6.49
N ASP A 137 5.18 -12.52 -7.67
CA ASP A 137 5.01 -13.69 -8.52
C ASP A 137 6.35 -14.14 -9.12
N LEU A 138 7.28 -13.19 -9.26
CA LEU A 138 8.57 -13.47 -9.88
C LEU A 138 9.58 -14.06 -8.90
N VAL A 139 9.62 -13.49 -7.70
CA VAL A 139 10.60 -13.89 -6.69
C VAL A 139 10.39 -15.33 -6.22
N ARG A 140 9.13 -15.74 -6.11
CA ARG A 140 8.82 -17.10 -5.68
C ARG A 140 9.31 -18.13 -6.69
N LEU A 141 9.40 -17.71 -7.96
CA LEU A 141 9.84 -18.59 -9.03
C LEU A 141 11.36 -18.77 -9.02
N ALA A 142 12.04 -17.91 -8.26
CA ALA A 142 13.50 -17.95 -8.19
C ALA A 142 13.98 -19.00 -7.18
N LEU A 143 13.04 -19.63 -6.50
CA LEU A 143 13.38 -20.67 -5.52
C LEU A 143 13.68 -22.00 -6.21
N THR A 144 13.14 -22.17 -7.42
CA THR A 144 13.38 -23.38 -8.19
C THR A 144 14.47 -23.18 -9.22
N PRO A 145 15.63 -23.82 -9.01
CA PRO A 145 16.77 -23.70 -9.92
C PRO A 145 16.46 -24.28 -11.30
N GLY A 146 16.08 -23.40 -12.23
CA GLY A 146 15.75 -23.82 -13.58
C GLY A 146 14.43 -23.25 -14.06
N ARG A 147 13.59 -22.85 -13.11
CA ARG A 147 12.30 -22.24 -13.44
C ARG A 147 12.47 -20.93 -14.20
N LEU A 148 13.47 -20.16 -13.79
CA LEU A 148 13.82 -18.92 -14.46
C LEU A 148 15.29 -18.96 -14.90
N PRO A 149 15.66 -18.12 -15.88
CA PRO A 149 17.08 -17.95 -16.18
C PRO A 149 17.84 -17.49 -14.93
N GLU A 150 19.03 -18.05 -14.72
CA GLU A 150 19.80 -17.80 -13.50
C GLU A 150 20.05 -16.31 -13.27
N SER A 151 20.28 -15.58 -14.35
CA SER A 151 20.50 -14.14 -14.27
C SER A 151 19.26 -13.41 -13.77
N ILE A 152 18.10 -13.82 -14.28
CA ILE A 152 16.83 -13.20 -13.90
C ILE A 152 16.45 -13.55 -12.45
N ALA A 153 16.67 -14.79 -12.07
CA ALA A 153 16.36 -15.25 -10.72
C ALA A 153 17.22 -14.51 -9.69
N ASN A 154 18.51 -14.41 -9.97
CA ASN A 154 19.44 -13.69 -9.09
C ASN A 154 19.11 -12.21 -9.02
N ALA A 155 18.59 -11.66 -10.10
CA ALA A 155 18.23 -10.26 -10.16
C ALA A 155 17.04 -9.95 -9.25
N ALA A 156 16.08 -10.85 -9.22
CA ALA A 156 14.90 -10.67 -8.38
C ALA A 156 15.25 -10.82 -6.90
N MET A 157 16.16 -11.73 -6.59
CA MET A 157 16.60 -11.95 -5.23
C MET A 157 17.51 -10.82 -4.74
N SER A 158 18.35 -10.32 -5.64
CA SER A 158 19.26 -9.24 -5.30
C SER A 158 18.50 -7.95 -5.01
N ALA A 159 17.53 -7.63 -5.85
CA ALA A 159 16.72 -6.43 -5.69
C ALA A 159 15.86 -6.51 -4.43
N PHE A 160 15.36 -7.71 -4.15
CA PHE A 160 14.52 -7.93 -2.97
C PHE A 160 15.35 -7.77 -1.70
N GLY A 161 16.60 -8.25 -1.73
CA GLY A 161 17.50 -8.10 -0.61
C GLY A 161 17.84 -6.64 -0.36
N GLN A 162 17.96 -5.87 -1.46
CA GLN A 162 18.23 -4.45 -1.37
C GLN A 162 17.05 -3.73 -0.73
N LEU A 163 15.84 -4.17 -1.06
CA LEU A 163 14.63 -3.60 -0.50
C LEU A 163 14.52 -3.87 1.00
N LEU A 164 14.77 -5.12 1.38
CA LEU A 164 14.69 -5.53 2.78
C LEU A 164 15.70 -4.79 3.65
N SER A 165 16.91 -4.62 3.12
CA SER A 165 17.97 -3.94 3.85
C SER A 165 17.63 -2.46 4.08
N ALA A 166 17.04 -1.83 3.07
CA ALA A 166 16.66 -0.43 3.16
C ALA A 166 15.51 -0.24 4.16
N LEU A 167 14.52 -1.13 4.09
CA LEU A 167 13.36 -1.05 4.97
C LEU A 167 13.73 -1.30 6.43
N ALA A 168 14.72 -2.17 6.65
CA ALA A 168 15.13 -2.53 7.99
C ALA A 168 16.19 -1.58 8.53
N GLY A 169 16.94 -0.96 7.63
CA GLY A 169 18.02 -0.07 8.01
C GLY A 169 19.26 -0.85 8.40
N SER A 170 19.29 -2.11 8.00
CA SER A 170 20.41 -3.00 8.31
C SER A 170 20.44 -4.16 7.31
N PRO A 171 21.63 -4.73 7.07
CA PRO A 171 21.79 -5.86 6.14
C PRO A 171 20.81 -7.00 6.38
N ARG A 172 19.96 -7.28 5.39
CA ARG A 172 18.99 -8.36 5.48
C ARG A 172 19.10 -9.28 4.27
N LEU A 173 19.05 -10.58 4.50
CA LEU A 173 19.06 -11.56 3.42
C LEU A 173 17.65 -11.69 2.85
N PRO A 174 17.55 -11.89 1.52
CA PRO A 174 16.24 -12.00 0.86
C PRO A 174 15.41 -13.18 1.35
N GLN A 175 16.07 -14.20 1.89
CA GLN A 175 15.38 -15.38 2.39
C GLN A 175 14.65 -15.09 3.70
N SER A 176 14.96 -13.96 4.32
CA SER A 176 14.33 -13.57 5.57
C SER A 176 13.06 -12.76 5.35
N GLY A 177 12.65 -12.64 4.10
CA GLY A 177 11.46 -11.86 3.76
C GLY A 177 10.58 -12.52 2.71
N ILE A 178 10.95 -13.73 2.30
CA ILE A 178 10.21 -14.46 1.29
C ILE A 178 8.78 -14.76 1.75
N GLU A 179 8.65 -15.23 2.98
CA GLU A 179 7.35 -15.60 3.54
C GLU A 179 6.38 -14.43 3.55
N ALA A 180 6.88 -13.24 3.92
CA ALA A 180 6.05 -12.05 3.94
C ALA A 180 5.66 -11.63 2.52
N LEU A 181 6.53 -11.92 1.56
CA LEU A 181 6.30 -11.55 0.18
C LEU A 181 5.27 -12.46 -0.48
N GLU A 182 5.08 -13.64 0.10
CA GLU A 182 4.12 -14.62 -0.42
C GLU A 182 2.69 -14.10 -0.33
N ALA A 183 2.45 -13.19 0.61
CA ALA A 183 1.11 -12.64 0.82
C ALA A 183 0.72 -11.65 -0.28
N LEU A 184 1.68 -11.29 -1.13
CA LEU A 184 1.45 -10.30 -2.17
C LEU A 184 1.21 -10.94 -3.54
N THR A 185 1.33 -12.27 -3.61
CA THR A 185 1.20 -12.97 -4.87
C THR A 185 -0.20 -12.82 -5.48
N SER A 186 -0.29 -12.93 -6.80
CA SER A 186 -1.55 -12.77 -7.50
C SER A 186 -2.55 -13.85 -7.09
N GLU A 187 -2.07 -15.07 -6.86
CA GLU A 187 -2.93 -16.17 -6.46
C GLU A 187 -3.49 -15.96 -5.06
N GLY A 188 -2.69 -15.39 -4.18
CA GLY A 188 -3.09 -15.17 -2.80
C GLY A 188 -4.13 -14.08 -2.66
N VAL A 189 -3.95 -13.01 -3.43
CA VAL A 189 -4.88 -11.88 -3.39
C VAL A 189 -6.18 -12.22 -4.11
N ALA A 190 -6.10 -13.03 -5.15
CA ALA A 190 -7.28 -13.44 -5.91
C ALA A 190 -8.24 -14.25 -5.04
N ALA A 191 -7.68 -15.04 -4.13
CA ALA A 191 -8.49 -15.82 -3.20
C ALA A 191 -9.18 -14.90 -2.20
N PHE A 192 -8.49 -13.84 -1.81
CA PHE A 192 -9.05 -12.85 -0.91
C PHE A 192 -10.14 -12.03 -1.61
N ASN A 193 -9.88 -11.68 -2.86
CA ASN A 193 -10.81 -10.87 -3.64
C ASN A 193 -12.12 -11.58 -3.91
N ASN A 194 -12.05 -12.90 -4.09
CA ASN A 194 -13.25 -13.70 -4.35
C ASN A 194 -14.12 -13.85 -3.11
N LYS A 195 -13.54 -13.54 -1.95
CA LYS A 195 -14.25 -13.66 -0.68
C LYS A 195 -14.74 -12.29 -0.21
N TYR A 196 -13.98 -11.24 -0.55
CA TYR A 196 -14.35 -9.88 -0.19
C TYR A 196 -14.19 -8.93 -1.38
N PRO A 197 -15.14 -8.99 -2.33
CA PRO A 197 -15.05 -8.24 -3.59
C PRO A 197 -15.61 -6.82 -3.54
N GLN A 198 -15.96 -6.34 -2.35
CA GLN A 198 -16.55 -5.01 -2.22
C GLN A 198 -15.61 -3.91 -2.68
N GLY A 199 -16.02 -3.18 -3.70
CA GLY A 199 -15.26 -2.03 -4.17
C GLY A 199 -14.35 -2.31 -5.35
N LEU A 200 -14.21 -3.59 -5.70
CA LEU A 200 -13.33 -3.99 -6.79
C LEU A 200 -13.88 -3.58 -8.15
N PRO A 201 -12.98 -3.24 -9.09
CA PRO A 201 -13.36 -2.91 -10.47
C PRO A 201 -14.00 -4.11 -11.18
N ALA A 202 -14.90 -3.85 -12.12
CA ALA A 202 -15.56 -4.92 -12.86
C ALA A 202 -14.74 -5.34 -14.08
N GLU A 203 -13.76 -4.51 -14.44
CA GLU A 203 -12.91 -4.79 -15.59
C GLU A 203 -11.49 -4.28 -15.35
N TRP A 204 -10.52 -4.92 -15.99
CA TRP A 204 -9.11 -4.58 -15.83
C TRP A 204 -8.82 -3.15 -16.31
N GLY A 205 -8.45 -2.29 -15.37
CA GLY A 205 -8.14 -0.91 -15.69
C GLY A 205 -9.27 0.04 -15.33
N GLY A 206 -10.44 -0.51 -15.04
CA GLY A 206 -11.60 0.30 -14.72
C GLY A 206 -11.68 0.63 -13.25
N GLU A 207 -12.82 1.18 -12.83
CA GLU A 207 -13.04 1.54 -11.43
C GLU A 207 -14.09 0.65 -10.80
N GLY A 208 -14.16 0.69 -9.46
CA GLY A 208 -15.20 0.00 -8.74
C GLY A 208 -16.25 0.99 -8.27
N LYS A 209 -17.29 0.49 -7.62
CA LYS A 209 -18.34 1.37 -7.08
C LYS A 209 -17.78 2.23 -5.96
N GLU A 210 -18.16 3.50 -5.96
CA GLU A 210 -17.71 4.43 -4.94
C GLU A 210 -18.39 4.14 -3.60
N LEU A 211 -19.66 3.76 -3.66
CA LEU A 211 -20.44 3.49 -2.45
C LEU A 211 -21.00 2.07 -2.47
N VAL A 212 -20.49 1.22 -1.59
CA VAL A 212 -20.95 -0.16 -1.49
C VAL A 212 -21.40 -0.49 -0.06
N ASN A 213 -22.68 -0.82 0.08
CA ASN A 213 -23.25 -1.22 1.37
C ASN A 213 -23.05 -0.17 2.45
N GLY A 214 -23.15 1.11 2.07
CA GLY A 214 -23.01 2.20 3.01
C GLY A 214 -21.57 2.54 3.33
N VAL A 215 -20.63 1.96 2.58
CA VAL A 215 -19.22 2.22 2.78
C VAL A 215 -18.61 2.86 1.53
N TYR A 216 -17.88 3.96 1.73
CA TYR A 216 -17.24 4.64 0.62
C TYR A 216 -15.86 4.04 0.30
N TYR A 217 -15.59 3.84 -0.97
CA TYR A 217 -14.33 3.25 -1.40
C TYR A 217 -13.55 4.19 -2.32
N TYR A 218 -12.35 4.54 -1.90
CA TYR A 218 -11.48 5.40 -2.69
C TYR A 218 -10.10 4.76 -2.87
N SER A 219 -9.37 5.22 -3.87
CA SER A 219 -8.01 4.76 -4.08
C SER A 219 -7.22 5.71 -4.97
N TRP A 220 -5.91 5.81 -4.69
CA TRP A 220 -5.00 6.48 -5.59
C TRP A 220 -3.65 5.77 -5.57
N SER A 221 -2.89 5.91 -6.64
CA SER A 221 -1.59 5.29 -6.73
C SER A 221 -0.68 6.04 -7.69
N GLY A 222 0.53 5.54 -7.89
CA GLY A 222 1.48 6.19 -8.76
C GLY A 222 2.26 5.23 -9.63
N VAL A 223 2.88 5.77 -10.67
CA VAL A 223 3.78 5.01 -11.53
C VAL A 223 5.07 5.80 -11.70
N ILE A 224 6.13 5.12 -12.11
CA ILE A 224 7.40 5.80 -12.35
C ILE A 224 7.73 5.84 -13.84
N ASP A 225 8.39 6.91 -14.25
CA ASP A 225 8.84 7.04 -15.63
C ASP A 225 10.34 6.80 -15.71
N TYR A 226 10.73 5.53 -15.71
CA TYR A 226 12.14 5.17 -15.63
C TYR A 226 12.62 4.38 -16.84
N ASN A 227 13.51 5.00 -17.60
CA ASN A 227 14.17 4.31 -18.71
C ASN A 227 15.66 4.16 -18.41
N PRO A 228 16.10 2.91 -18.24
CA PRO A 228 17.49 2.58 -17.87
C PRO A 228 18.52 3.09 -18.88
N LEU A 229 18.09 3.29 -20.13
CA LEU A 229 19.02 3.68 -21.19
C LEU A 229 19.21 5.20 -21.26
N HIS A 230 18.52 5.92 -20.41
CA HIS A 230 18.62 7.39 -20.40
C HIS A 230 18.67 7.96 -18.99
N GLN A 231 18.20 7.18 -18.01
CA GLN A 231 18.14 7.65 -16.64
C GLN A 231 19.04 6.82 -15.72
N GLY A 232 19.76 7.51 -14.84
CA GLY A 232 20.66 6.85 -13.92
C GLY A 232 20.06 6.64 -12.54
N ALA A 233 20.82 6.02 -11.65
CA ALA A 233 20.35 5.74 -10.30
C ALA A 233 21.51 5.73 -9.30
N ASN A 234 22.40 6.71 -9.42
CA ASN A 234 23.56 6.80 -8.55
C ASN A 234 23.40 7.87 -7.48
N ASN A 235 22.29 8.60 -7.56
CA ASN A 235 22.02 9.69 -6.61
C ASN A 235 20.80 9.42 -5.74
N LEU A 236 20.27 8.20 -5.82
CA LEU A 236 19.09 7.83 -5.08
C LEU A 236 19.41 6.90 -3.91
N ASP A 237 18.55 6.91 -2.89
CA ASP A 237 18.68 5.99 -1.77
C ASP A 237 18.33 4.58 -2.24
N PRO A 238 19.05 3.57 -1.74
CA PRO A 238 18.82 2.15 -2.09
C PRO A 238 17.36 1.71 -2.00
N LEU A 239 16.56 2.41 -1.21
CA LEU A 239 15.14 2.10 -1.09
C LEU A 239 14.41 2.38 -2.40
N HIS A 240 14.78 3.47 -3.06
CA HIS A 240 14.17 3.84 -4.33
C HIS A 240 14.81 3.10 -5.49
N VAL A 241 16.08 2.73 -5.32
CA VAL A 241 16.81 1.99 -6.36
C VAL A 241 16.17 0.62 -6.58
N ALA A 242 15.76 -0.01 -5.49
CA ALA A 242 15.10 -1.31 -5.56
C ALA A 242 13.78 -1.21 -6.33
N MET A 243 13.14 -0.06 -6.23
CA MET A 243 11.90 0.19 -6.97
C MET A 243 12.17 0.29 -8.46
N LEU A 244 13.32 0.86 -8.82
CA LEU A 244 13.70 0.99 -10.22
C LEU A 244 14.03 -0.37 -10.82
N ALA A 245 14.69 -1.22 -10.03
CA ALA A 245 15.08 -2.54 -10.49
C ALA A 245 13.86 -3.43 -10.72
N PHE A 246 12.93 -3.40 -9.78
CA PHE A 246 11.74 -4.23 -9.85
C PHE A 246 10.77 -3.81 -10.96
N SER A 247 10.75 -2.51 -11.26
CA SER A 247 9.86 -1.99 -12.29
C SER A 247 10.21 -2.57 -13.66
N ILE A 248 11.49 -2.87 -13.85
CA ILE A 248 11.96 -3.48 -15.09
C ILE A 248 11.48 -4.93 -15.17
N LEU A 249 11.39 -5.57 -14.00
CA LEU A 249 11.06 -6.99 -13.94
C LEU A 249 9.56 -7.26 -13.98
N PHE A 250 8.76 -6.22 -14.23
CA PHE A 250 7.31 -6.39 -14.38
C PHE A 250 6.99 -7.05 -15.72
N THR A 251 5.99 -7.92 -15.72
CA THR A 251 5.64 -8.70 -16.90
C THR A 251 4.44 -8.10 -17.65
N ASN A 252 3.35 -7.89 -16.93
CA ASN A 252 2.15 -7.32 -17.54
C ASN A 252 2.21 -5.80 -17.58
N GLU A 253 2.19 -5.18 -16.41
CA GLU A 253 2.24 -3.72 -16.33
C GLU A 253 3.68 -3.25 -16.24
N ARG A 254 4.45 -3.59 -17.26
CA ARG A 254 5.87 -3.26 -17.34
C ARG A 254 6.10 -1.74 -17.41
N PHE A 255 5.23 -1.05 -18.14
CA PHE A 255 5.39 0.39 -18.32
C PHE A 255 4.38 1.21 -17.52
N GLN A 256 3.87 0.61 -16.44
CA GLN A 256 2.95 1.32 -15.54
C GLN A 256 2.89 0.65 -14.16
N ASN A 257 3.91 0.91 -13.35
CA ASN A 257 3.95 0.40 -11.98
C ASN A 257 4.78 1.29 -11.08
N ASP A 258 4.67 1.11 -9.77
CA ASP A 258 5.41 1.94 -8.82
C ASP A 258 6.61 1.20 -8.22
N GLY A 259 6.91 0.03 -8.76
CA GLY A 259 8.02 -0.76 -8.29
C GLY A 259 7.61 -2.02 -7.56
N LEU A 260 6.35 -2.08 -7.13
CA LEU A 260 5.85 -3.27 -6.43
C LEU A 260 4.46 -3.66 -6.90
N VAL A 261 3.64 -2.67 -7.26
CA VAL A 261 2.29 -2.95 -7.75
C VAL A 261 2.00 -2.15 -9.02
N GLY A 262 1.40 -2.81 -10.00
CA GLY A 262 1.02 -2.16 -11.24
C GLY A 262 -0.09 -1.14 -11.03
N ARG A 263 -0.29 -0.28 -12.03
CA ARG A 263 -1.28 0.78 -11.93
C ARG A 263 -2.70 0.24 -11.82
N TYR A 264 -3.06 -0.66 -12.74
CA TYR A 264 -4.41 -1.21 -12.78
C TYR A 264 -4.68 -2.17 -11.63
N SER A 265 -3.61 -2.68 -11.02
CA SER A 265 -3.73 -3.61 -9.92
C SER A 265 -4.12 -2.93 -8.61
N SER A 266 -3.95 -1.61 -8.58
CA SER A 266 -4.17 -0.84 -7.35
C SER A 266 -5.55 -0.20 -7.29
N HIS A 267 -6.34 -0.37 -8.35
CA HIS A 267 -7.65 0.26 -8.43
C HIS A 267 -8.64 -0.31 -7.42
N LEU A 268 -9.32 0.59 -6.70
CA LEU A 268 -10.33 0.20 -5.72
C LEU A 268 -11.34 1.33 -5.56
N GLY A 269 -12.62 1.02 -5.74
CA GLY A 269 -13.66 2.01 -5.66
C GLY A 269 -13.46 3.12 -6.67
N LYS A 270 -13.60 4.36 -6.23
CA LYS A 270 -13.34 5.50 -7.11
C LYS A 270 -11.85 5.79 -7.17
N VAL A 271 -11.27 5.61 -8.36
CA VAL A 271 -9.85 5.89 -8.56
C VAL A 271 -9.63 7.38 -8.79
N ILE A 272 -9.17 8.08 -7.77
CA ILE A 272 -8.89 9.50 -7.85
C ILE A 272 -7.79 9.77 -8.85
N GLY A 273 -6.82 8.86 -8.91
CA GLY A 273 -5.71 8.96 -9.83
C GLY A 273 -4.69 7.89 -9.52
N SER A 274 -4.40 7.05 -10.49
CA SER A 274 -3.46 5.94 -10.29
C SER A 274 -2.19 6.12 -11.11
N ASP A 275 -2.05 7.28 -11.73
CA ASP A 275 -0.87 7.55 -12.55
C ASP A 275 -0.09 8.76 -12.02
N TYR A 276 -0.08 8.92 -10.71
CA TYR A 276 0.72 9.97 -10.07
C TYR A 276 2.21 9.69 -10.25
N SER A 277 3.03 10.72 -10.07
CA SER A 277 4.47 10.55 -10.14
C SER A 277 5.01 10.12 -8.79
N MET A 278 4.82 8.84 -8.46
CA MET A 278 5.27 8.28 -7.20
C MET A 278 5.66 6.81 -7.37
N ASP A 279 6.70 6.38 -6.66
CA ASP A 279 6.97 4.95 -6.56
C ASP A 279 6.21 4.43 -5.34
N HIS A 280 6.49 3.20 -4.94
CA HIS A 280 5.73 2.56 -3.87
C HIS A 280 5.96 3.24 -2.52
N VAL A 281 7.21 3.58 -2.23
CA VAL A 281 7.55 4.19 -0.94
C VAL A 281 7.42 5.71 -0.98
N ASP A 282 7.27 6.27 -2.17
CA ASP A 282 7.01 7.70 -2.31
C ASP A 282 5.64 8.04 -1.74
N ALA A 283 4.70 7.12 -1.87
CA ALA A 283 3.31 7.33 -1.45
C ALA A 283 3.19 7.62 0.03
N ILE A 284 4.15 7.13 0.81
CA ILE A 284 4.16 7.37 2.26
C ILE A 284 5.31 8.29 2.66
N ASN A 285 5.73 9.14 1.72
CA ASN A 285 6.74 10.18 1.97
C ASN A 285 8.07 9.62 2.49
N GLN A 286 8.50 8.50 1.92
CA GLN A 286 9.78 7.90 2.27
C GLN A 286 10.78 8.11 1.13
N LEU A 287 12.08 8.17 1.44
CA LEU A 287 12.61 7.98 2.78
C LEU A 287 12.76 9.28 3.56
N ALA A 288 12.04 9.38 4.67
CA ALA A 288 12.11 10.52 5.58
C ALA A 288 11.85 11.85 4.88
N GLY A 289 10.88 11.85 3.96
CA GLY A 289 10.48 13.07 3.29
C GLY A 289 11.24 13.34 2.01
N VAL A 290 12.24 12.50 1.72
CA VAL A 290 13.03 12.65 0.51
C VAL A 290 12.51 11.72 -0.58
N VAL A 291 11.50 12.18 -1.32
CA VAL A 291 10.93 11.40 -2.40
C VAL A 291 11.81 11.46 -3.63
N ALA A 292 11.64 10.50 -4.54
CA ALA A 292 12.48 10.39 -5.72
C ALA A 292 11.76 10.85 -6.98
N ASN A 293 10.53 11.34 -6.82
CA ASN A 293 9.74 11.77 -7.97
C ASN A 293 9.13 13.16 -7.79
N ASN A 294 8.12 13.48 -8.60
CA ASN A 294 7.63 14.85 -8.70
C ASN A 294 6.34 15.15 -7.92
N THR A 295 5.58 14.11 -7.60
CA THR A 295 4.29 14.31 -6.93
C THR A 295 4.44 14.44 -5.41
N ASP A 296 3.80 15.47 -4.85
CA ASP A 296 3.76 15.66 -3.41
C ASP A 296 2.81 14.64 -2.77
N PRO A 297 3.36 13.72 -1.97
CA PRO A 297 2.60 12.65 -1.33
C PRO A 297 1.67 13.17 -0.23
N VAL A 298 2.20 14.09 0.57
CA VAL A 298 1.47 14.63 1.72
C VAL A 298 0.23 15.41 1.29
N GLN A 299 0.36 16.19 0.22
CA GLN A 299 -0.74 17.01 -0.27
C GLN A 299 -1.93 16.16 -0.69
N LEU A 300 -1.65 14.96 -1.19
CA LEU A 300 -2.72 14.03 -1.58
C LEU A 300 -3.56 13.63 -0.37
N PHE A 301 -2.90 13.42 0.77
CA PHE A 301 -3.60 13.09 2.00
C PHE A 301 -4.41 14.28 2.51
N VAL A 302 -3.84 15.47 2.38
CA VAL A 302 -4.49 16.69 2.84
C VAL A 302 -5.74 16.99 2.03
N GLU A 303 -5.63 16.88 0.70
CA GLU A 303 -6.76 17.12 -0.18
C GLU A 303 -7.86 16.10 0.00
N HIS A 304 -7.48 14.90 0.44
CA HIS A 304 -8.45 13.82 0.65
C HIS A 304 -9.32 14.11 1.87
N VAL A 305 -8.78 14.88 2.82
CA VAL A 305 -9.54 15.29 3.99
C VAL A 305 -10.74 16.12 3.58
N ALA A 306 -10.52 17.04 2.64
CA ALA A 306 -11.59 17.88 2.12
C ALA A 306 -12.61 17.05 1.34
N ARG A 307 -12.12 16.00 0.69
CA ARG A 307 -12.98 15.10 -0.07
C ARG A 307 -13.90 14.31 0.84
N LEU A 308 -13.35 13.80 1.95
CA LEU A 308 -14.12 13.06 2.93
C LEU A 308 -15.11 13.97 3.66
N LYS A 309 -14.69 15.21 3.90
CA LYS A 309 -15.51 16.18 4.61
C LYS A 309 -16.77 16.54 3.82
N SER A 310 -16.62 16.67 2.51
CA SER A 310 -17.74 17.05 1.64
C SER A 310 -18.72 15.91 1.44
N LYS A 311 -18.31 14.70 1.81
CA LYS A 311 -19.15 13.53 1.64
C LYS A 311 -19.96 13.25 2.90
N GLY A 312 -19.73 14.04 3.94
CA GLY A 312 -20.41 13.86 5.20
C GLY A 312 -19.69 12.89 6.11
N LEU A 313 -18.41 12.68 5.84
CA LEU A 313 -17.60 11.74 6.62
C LEU A 313 -16.63 12.48 7.53
#